data_6CYA
#
_entry.id   6CYA
#
_cell.length_a   107.370
_cell.length_b   107.370
_cell.length_c   150.980
_cell.angle_alpha   90.00
_cell.angle_beta   90.00
_cell.angle_gamma   90.00
#
_symmetry.space_group_name_H-M   'I 4 2 2'
#
loop_
_entity.id
_entity.type
_entity.pdbx_description
1 polymer 'Non-structural protein 2'
2 non-polymer GLYCEROL
3 non-polymer 'CHLORIDE ION'
4 water water
#
_entity_poly.entity_id   1
_entity_poly.type   'polypeptide(L)'
_entity_poly.pdbx_seq_one_letter_code
;MAELACFCYPHLENDSYKFIPFNNLAIKAMLTAKVDKKDMDKFYDSIIYGIAPPPQFKKRYNTNDNSRGMNFETIMFTKV
AMLICEALNSLKVTQANVSNVLSRVVSIRHLENLVIRKENPQDILFHSKDLLLKSTLIAIGQSKEIETTITAEGGEIVFQ
NAAFTMWKLTYLEHQLMPILDQNFIEYKVTLNEDKPISDVHVKELVAELRWQYNKFAVITHGKGHYRIVKYSSVANHADR
VYATFKSNVKTGVNNDFNLLDQRIIWQNWYAFTSSMKQGNTLDVCKRLLFQKMKPEKNPFKGLSTDRKMDEVAQVGVLVP
R
;
_entity_poly.pdbx_strand_id   A
#
loop_
_chem_comp.id
_chem_comp.type
_chem_comp.name
_chem_comp.formula
CL non-polymer 'CHLORIDE ION' 'Cl -1'
GOL non-polymer GLYCEROL 'C3 H8 O3'
#
# COMPACT_ATOMS: atom_id res chain seq x y z
N ALA A 2 -5.59 8.14 -0.93
CA ALA A 2 -6.51 9.08 -1.57
C ALA A 2 -6.89 8.61 -2.96
N GLU A 3 -7.89 9.26 -3.55
CA GLU A 3 -8.34 8.90 -4.88
C GLU A 3 -7.35 9.37 -5.93
N LEU A 4 -7.29 8.63 -7.04
CA LEU A 4 -6.41 9.01 -8.14
C LEU A 4 -6.74 10.40 -8.67
N ALA A 5 -7.99 10.83 -8.53
CA ALA A 5 -8.39 12.17 -8.96
C ALA A 5 -7.78 13.28 -8.12
N CYS A 6 -7.08 12.93 -7.03
CA CYS A 6 -6.38 13.94 -6.24
C CYS A 6 -5.05 14.35 -6.84
N PHE A 7 -4.61 13.70 -7.92
CA PHE A 7 -3.31 13.97 -8.53
C PHE A 7 -3.38 14.33 -9.99
N CYS A 8 -4.47 14.02 -10.69
CA CYS A 8 -4.51 14.22 -12.13
C CYS A 8 -5.96 14.37 -12.57
N TYR A 9 -6.14 15.04 -13.70
CA TYR A 9 -7.43 15.14 -14.36
C TYR A 9 -7.34 14.56 -15.77
N PRO A 10 -8.43 14.03 -16.29
CA PRO A 10 -8.38 13.42 -17.62
C PRO A 10 -8.50 14.46 -18.72
N HIS A 11 -7.73 14.25 -19.79
CA HIS A 11 -7.82 15.06 -20.99
C HIS A 11 -7.85 14.13 -22.19
N LEU A 12 -8.94 14.21 -22.97
CA LEU A 12 -9.14 13.33 -24.11
C LEU A 12 -8.34 13.79 -25.32
N GLU A 13 -7.66 12.84 -25.96
CA GLU A 13 -6.92 13.10 -27.19
C GLU A 13 -7.07 11.89 -28.11
N ASN A 14 -7.74 12.11 -29.25
CA ASN A 14 -7.86 11.08 -30.29
C ASN A 14 -8.52 9.82 -29.75
N ASP A 15 -9.67 10.00 -29.10
CA ASP A 15 -10.48 8.91 -28.55
C ASP A 15 -9.72 8.05 -27.53
N SER A 16 -8.68 8.61 -26.91
CA SER A 16 -7.93 7.93 -25.86
C SER A 16 -7.51 8.95 -24.81
N TYR A 17 -7.68 8.61 -23.55
CA TYR A 17 -7.51 9.58 -22.48
C TYR A 17 -6.05 9.70 -22.04
N LYS A 18 -5.61 10.93 -21.83
CA LYS A 18 -4.32 11.23 -21.22
C LYS A 18 -4.56 12.02 -19.94
N PHE A 19 -3.77 11.74 -18.92
CA PHE A 19 -3.97 12.31 -17.60
C PHE A 19 -2.86 13.30 -17.28
N ILE A 20 -3.25 14.41 -16.67
CA ILE A 20 -2.38 15.58 -16.50
C ILE A 20 -2.24 15.84 -15.01
N PRO A 21 -1.03 15.97 -14.48
CA PRO A 21 -0.87 16.29 -13.05
C PRO A 21 -1.40 17.67 -12.73
N PHE A 22 -1.87 17.84 -11.50
CA PHE A 22 -2.28 19.14 -11.00
C PHE A 22 -1.06 19.98 -10.63
N ASN A 23 -1.22 21.29 -10.76
CA ASN A 23 -0.30 22.23 -10.10
C ASN A 23 -0.75 22.43 -8.67
N ASN A 24 0.21 22.49 -7.75
CA ASN A 24 -0.16 22.63 -6.34
C ASN A 24 -0.79 23.99 -6.06
N LEU A 25 -0.40 25.03 -6.81
CA LEU A 25 -1.03 26.33 -6.64
C LEU A 25 -2.47 26.31 -7.13
N ALA A 26 -2.79 25.49 -8.13
CA ALA A 26 -4.18 25.32 -8.53
C ALA A 26 -4.98 24.65 -7.43
N ILE A 27 -4.37 23.69 -6.73
CA ILE A 27 -5.01 23.09 -5.57
C ILE A 27 -5.19 24.13 -4.47
N LYS A 28 -4.18 24.97 -4.27
CA LYS A 28 -4.26 26.02 -3.25
C LYS A 28 -5.38 27.00 -3.55
N ALA A 29 -5.60 27.31 -4.84
CA ALA A 29 -6.70 28.19 -5.21
C ALA A 29 -8.04 27.51 -5.00
N MET A 30 -8.13 26.20 -5.29
CA MET A 30 -9.37 25.47 -5.06
C MET A 30 -9.76 25.48 -3.59
N LEU A 31 -8.78 25.31 -2.69
CA LEU A 31 -9.08 25.25 -1.26
C LEU A 31 -9.68 26.54 -0.74
N THR A 32 -9.50 27.65 -1.45
CA THR A 32 -10.08 28.93 -1.05
C THR A 32 -11.32 29.29 -1.86
N ALA A 33 -11.90 28.34 -2.58
CA ALA A 33 -12.95 28.64 -3.53
C ALA A 33 -14.33 28.43 -2.94
N LYS A 34 -15.24 29.35 -3.24
CA LYS A 34 -16.67 29.15 -3.00
C LYS A 34 -17.26 28.45 -4.22
N VAL A 35 -17.89 27.29 -3.99
CA VAL A 35 -18.35 26.44 -5.06
C VAL A 35 -19.79 26.01 -4.77
N ASP A 36 -20.61 25.96 -5.81
CA ASP A 36 -21.95 25.42 -5.68
C ASP A 36 -21.90 23.94 -5.27
N LYS A 37 -23.01 23.45 -4.73
CA LYS A 37 -23.07 22.05 -4.34
C LYS A 37 -23.06 21.14 -5.57
N LYS A 38 -23.72 21.55 -6.65
CA LYS A 38 -23.74 20.76 -7.87
C LYS A 38 -22.38 20.68 -8.55
N ASP A 39 -21.41 21.50 -8.12
CA ASP A 39 -20.09 21.55 -8.74
C ASP A 39 -19.01 20.97 -7.85
N MET A 40 -19.37 20.40 -6.70
CA MET A 40 -18.36 19.85 -5.78
C MET A 40 -17.68 18.62 -6.35
N ASP A 41 -18.31 17.92 -7.29
CA ASP A 41 -17.70 16.75 -7.93
C ASP A 41 -16.96 17.11 -9.20
N LYS A 42 -17.14 18.32 -9.73
CA LYS A 42 -16.54 18.71 -10.99
C LYS A 42 -15.15 19.31 -10.77
N PHE A 43 -14.29 19.13 -11.76
CA PHE A 43 -12.96 19.69 -11.69
C PHE A 43 -13.03 21.21 -11.70
N TYR A 44 -12.11 21.83 -10.96
CA TYR A 44 -12.17 23.26 -10.68
C TYR A 44 -11.17 24.01 -11.56
N ASP A 45 -11.63 25.11 -12.14
CA ASP A 45 -10.77 25.98 -12.95
C ASP A 45 -10.27 27.13 -12.07
N SER A 46 -9.03 27.01 -11.61
CA SER A 46 -8.28 28.17 -11.17
C SER A 46 -7.75 28.86 -12.41
N ILE A 47 -8.17 30.11 -12.62
CA ILE A 47 -7.84 30.81 -13.86
C ILE A 47 -6.33 30.82 -14.11
N ILE A 48 -5.54 30.86 -13.06
CA ILE A 48 -4.11 31.16 -13.16
C ILE A 48 -3.27 29.90 -13.28
N TYR A 49 -3.63 28.83 -12.55
CA TYR A 49 -2.74 27.69 -12.41
C TYR A 49 -3.31 26.41 -13.03
N GLY A 50 -4.31 26.52 -13.88
CA GLY A 50 -4.86 25.37 -14.56
C GLY A 50 -5.96 24.68 -13.76
N ILE A 51 -6.19 23.42 -14.11
CA ILE A 51 -7.26 22.63 -13.51
C ILE A 51 -6.85 22.16 -12.13
N ALA A 52 -7.82 22.08 -11.23
CA ALA A 52 -7.64 21.64 -9.86
C ALA A 52 -8.61 20.52 -9.56
N PRO A 53 -8.30 19.68 -8.56
CA PRO A 53 -9.19 18.55 -8.22
C PRO A 53 -10.57 19.03 -7.81
N PRO A 54 -11.57 18.14 -7.84
CA PRO A 54 -12.92 18.51 -7.42
C PRO A 54 -12.95 18.98 -5.98
N PRO A 55 -13.72 20.03 -5.67
CA PRO A 55 -13.74 20.55 -4.29
C PRO A 55 -14.24 19.55 -3.25
N GLN A 56 -14.83 18.42 -3.65
CA GLN A 56 -15.19 17.41 -2.66
C GLN A 56 -13.96 16.73 -2.06
N PHE A 57 -12.77 17.00 -2.58
CA PHE A 57 -11.54 16.36 -2.13
C PHE A 57 -10.69 17.26 -1.25
N LYS A 58 -11.22 18.40 -0.79
CA LYS A 58 -10.43 19.31 0.04
C LYS A 58 -9.87 18.60 1.27
N LYS A 59 -10.59 17.60 1.79
CA LYS A 59 -10.09 16.84 2.94
C LYS A 59 -8.71 16.27 2.68
N ARG A 60 -8.41 15.88 1.43
CA ARG A 60 -7.18 15.17 1.12
C ARG A 60 -5.93 16.04 1.22
N TYR A 61 -6.08 17.35 1.37
CA TYR A 61 -4.94 18.26 1.30
C TYR A 61 -4.75 18.95 2.64
N ASN A 62 -3.49 19.01 3.08
CA ASN A 62 -3.16 19.58 4.36
C ASN A 62 -3.19 21.10 4.29
N THR A 63 -3.88 21.70 5.21
CA THR A 63 -4.02 23.12 5.34
C THR A 63 -3.79 23.36 6.78
N ASN A 64 -3.91 24.58 7.20
CA ASN A 64 -3.72 24.88 8.57
C ASN A 64 -4.80 24.30 9.40
N ASP A 65 -5.84 23.88 8.75
CA ASP A 65 -6.94 23.29 9.44
C ASP A 65 -7.00 21.83 9.26
N ASN A 66 -6.17 21.29 8.40
CA ASN A 66 -6.17 19.87 8.18
C ASN A 66 -4.79 19.36 8.28
N SER A 67 -4.60 18.35 9.09
CA SER A 67 -3.31 17.73 9.21
C SER A 67 -3.44 16.27 8.85
N ARG A 68 -4.63 15.86 8.48
CA ARG A 68 -4.87 14.48 8.09
C ARG A 68 -4.94 14.30 6.57
N GLY A 69 -4.39 15.23 5.81
CA GLY A 69 -4.31 15.09 4.37
C GLY A 69 -2.89 14.92 3.90
N MET A 70 -2.59 15.39 2.68
CA MET A 70 -1.26 15.26 2.11
C MET A 70 -0.63 16.63 1.93
N ASN A 71 0.70 16.65 1.85
CA ASN A 71 1.46 17.87 1.66
C ASN A 71 1.63 18.10 0.16
N PHE A 72 0.61 18.71 -0.44
CA PHE A 72 0.57 18.86 -1.89
C PHE A 72 1.55 19.91 -2.41
N GLU A 73 1.97 20.87 -1.59
CA GLU A 73 2.91 21.88 -2.02
C GLU A 73 4.34 21.36 -2.08
N THR A 74 4.50 20.05 -1.99
CA THR A 74 5.78 19.38 -1.95
C THR A 74 6.15 18.91 -3.35
N ILE A 75 7.46 18.90 -3.65
CA ILE A 75 7.91 18.40 -4.95
C ILE A 75 7.50 16.95 -5.15
N MET A 76 7.42 16.18 -4.06
CA MET A 76 7.02 14.78 -4.15
C MET A 76 5.59 14.63 -4.66
N PHE A 77 4.73 15.60 -4.38
CA PHE A 77 3.37 15.55 -4.93
C PHE A 77 3.40 15.50 -6.45
N THR A 78 4.15 16.42 -7.06
CA THR A 78 4.27 16.43 -8.52
C THR A 78 4.88 15.13 -9.01
N LYS A 79 5.91 14.64 -8.32
CA LYS A 79 6.56 13.39 -8.73
C LYS A 79 5.59 12.22 -8.67
N VAL A 80 4.81 12.12 -7.58
CA VAL A 80 3.83 11.05 -7.46
C VAL A 80 2.74 11.22 -8.51
N ALA A 81 2.26 12.45 -8.71
CA ALA A 81 1.24 12.69 -9.72
C ALA A 81 1.73 12.28 -11.11
N MET A 82 2.97 12.65 -11.44
CA MET A 82 3.52 12.26 -12.73
C MET A 82 3.64 10.74 -12.85
N LEU A 83 4.05 10.07 -11.77
CA LEU A 83 4.12 8.61 -11.78
C LEU A 83 2.75 8.00 -12.07
N ILE A 84 1.71 8.54 -11.45
CA ILE A 84 0.35 8.08 -11.72
C ILE A 84 0.00 8.29 -13.19
N CYS A 85 0.36 9.46 -13.74
CA CYS A 85 0.01 9.77 -15.12
C CYS A 85 0.74 8.88 -16.11
N GLU A 86 2.02 8.61 -15.89
CA GLU A 86 2.75 7.73 -16.78
C GLU A 86 2.13 6.34 -16.80
N ALA A 87 1.58 5.88 -15.66
CA ALA A 87 0.91 4.59 -15.63
C ALA A 87 -0.44 4.65 -16.32
N LEU A 88 -1.23 5.67 -16.00
CA LEU A 88 -2.55 5.81 -16.62
C LEU A 88 -2.44 6.07 -18.13
N ASN A 89 -1.40 6.75 -18.58
CA ASN A 89 -1.21 6.96 -20.01
C ASN A 89 -0.73 5.69 -20.71
N SER A 90 -0.13 4.75 -19.97
CA SER A 90 0.25 3.48 -20.56
C SER A 90 -0.97 2.63 -20.86
N LEU A 91 -1.98 2.69 -20.00
CA LEU A 91 -3.30 2.25 -20.39
C LEU A 91 -3.88 3.24 -21.40
N LYS A 92 -4.95 2.82 -22.06
CA LYS A 92 -5.73 3.71 -22.92
C LYS A 92 -7.14 3.74 -22.35
N VAL A 93 -7.30 4.42 -21.21
CA VAL A 93 -8.58 4.48 -20.54
C VAL A 93 -9.61 5.11 -21.48
N THR A 94 -10.75 4.45 -21.61
CA THR A 94 -11.84 4.92 -22.46
C THR A 94 -12.88 5.65 -21.63
N GLN A 95 -13.77 6.36 -22.32
CA GLN A 95 -14.68 7.29 -21.68
C GLN A 95 -15.45 6.66 -20.53
N ALA A 96 -15.94 5.43 -20.72
CA ALA A 96 -16.74 4.78 -19.70
C ALA A 96 -15.93 4.48 -18.43
N ASN A 97 -14.61 4.41 -18.53
CA ASN A 97 -13.79 3.95 -17.43
C ASN A 97 -13.14 5.07 -16.62
N VAL A 98 -13.12 6.31 -17.14
CA VAL A 98 -12.28 7.35 -16.56
C VAL A 98 -12.65 7.61 -15.12
N SER A 99 -13.95 7.79 -14.85
CA SER A 99 -14.40 8.16 -13.52
C SER A 99 -14.12 7.05 -12.51
N ASN A 100 -14.21 5.78 -12.94
CA ASN A 100 -13.91 4.69 -12.03
C ASN A 100 -12.43 4.60 -11.75
N VAL A 101 -11.59 4.76 -12.77
CA VAL A 101 -10.14 4.73 -12.57
C VAL A 101 -9.73 5.86 -11.62
N LEU A 102 -10.25 7.06 -11.86
CA LEU A 102 -9.94 8.19 -10.98
C LEU A 102 -10.61 8.06 -9.62
N SER A 103 -11.62 7.20 -9.49
CA SER A 103 -12.23 6.95 -8.20
C SER A 103 -11.41 5.99 -7.35
N ARG A 104 -10.46 5.28 -7.95
CA ARG A 104 -9.67 4.28 -7.23
C ARG A 104 -8.92 4.94 -6.08
N VAL A 105 -9.04 4.35 -4.90
CA VAL A 105 -8.30 4.79 -3.72
C VAL A 105 -6.98 4.03 -3.67
N VAL A 106 -5.88 4.76 -3.50
CA VAL A 106 -4.54 4.18 -3.52
C VAL A 106 -3.77 4.64 -2.30
N SER A 107 -2.72 3.90 -1.98
CA SER A 107 -1.82 4.25 -0.88
C SER A 107 -0.81 5.28 -1.38
N ILE A 108 -0.88 6.50 -0.83
CA ILE A 108 0.05 7.54 -1.23
C ILE A 108 1.47 7.16 -0.81
N ARG A 109 1.63 6.62 0.40
CA ARG A 109 2.95 6.20 0.86
C ARG A 109 3.55 5.14 -0.05
N HIS A 110 2.71 4.25 -0.58
CA HIS A 110 3.17 3.27 -1.55
C HIS A 110 3.71 3.96 -2.81
N LEU A 111 2.99 4.95 -3.31
CA LEU A 111 3.41 5.64 -4.53
C LEU A 111 4.67 6.48 -4.30
N GLU A 112 4.82 7.06 -3.12
CA GLU A 112 6.03 7.82 -2.84
C GLU A 112 7.25 6.93 -2.80
N ASN A 113 7.11 5.74 -2.22
CA ASN A 113 8.22 4.79 -2.17
C ASN A 113 8.63 4.32 -3.56
N LEU A 114 7.68 4.24 -4.49
CA LEU A 114 8.03 3.89 -5.86
C LEU A 114 8.80 5.00 -6.54
N VAL A 115 8.41 6.26 -6.28
CA VAL A 115 9.21 7.40 -6.75
C VAL A 115 10.63 7.32 -6.22
N ILE A 116 10.78 6.97 -4.94
CA ILE A 116 12.10 6.83 -4.34
C ILE A 116 12.91 5.76 -5.06
N ARG A 117 12.25 4.68 -5.47
CA ARG A 117 12.94 3.63 -6.21
C ARG A 117 13.30 4.08 -7.61
N LYS A 118 12.35 4.72 -8.31
CA LYS A 118 12.55 5.04 -9.72
C LYS A 118 13.64 6.09 -9.92
N GLU A 119 13.84 6.97 -8.93
CA GLU A 119 14.86 8.00 -9.04
C GLU A 119 16.22 7.56 -8.49
N ASN A 120 16.33 6.31 -8.05
CA ASN A 120 17.59 5.78 -7.55
C ASN A 120 18.31 5.04 -8.67
N PRO A 121 19.47 5.50 -9.14
CA PRO A 121 20.13 4.82 -10.26
C PRO A 121 20.54 3.39 -9.94
N GLN A 122 20.67 3.04 -8.66
CA GLN A 122 21.00 1.67 -8.31
C GLN A 122 19.81 0.73 -8.47
N ASP A 123 18.60 1.27 -8.34
CA ASP A 123 17.39 0.46 -8.37
C ASP A 123 17.02 0.11 -9.80
N ILE A 124 16.57 -1.14 -9.99
CA ILE A 124 16.20 -1.61 -11.32
C ILE A 124 15.03 -0.81 -11.88
N LEU A 125 14.20 -0.22 -11.02
CA LEU A 125 13.08 0.58 -11.51
C LEU A 125 13.56 1.83 -12.23
N PHE A 126 14.75 2.32 -11.90
CA PHE A 126 15.34 3.44 -12.63
C PHE A 126 15.62 3.07 -14.08
N HIS A 127 15.88 1.79 -14.36
CA HIS A 127 16.37 1.36 -15.66
C HIS A 127 15.35 0.64 -16.51
N SER A 128 14.25 0.17 -15.94
CA SER A 128 13.24 -0.59 -16.67
C SER A 128 11.90 0.12 -16.56
N LYS A 129 11.56 0.89 -17.59
CA LYS A 129 10.25 1.54 -17.61
C LYS A 129 9.13 0.52 -17.59
N ASP A 130 9.38 -0.70 -18.10
CA ASP A 130 8.37 -1.75 -18.04
C ASP A 130 8.16 -2.22 -16.60
N LEU A 131 9.24 -2.39 -15.85
CA LEU A 131 9.11 -2.80 -14.45
C LEU A 131 8.50 -1.70 -13.60
N LEU A 132 8.91 -0.46 -13.84
CA LEU A 132 8.33 0.67 -13.12
C LEU A 132 6.84 0.78 -13.39
N LEU A 133 6.42 0.61 -14.66
CA LEU A 133 5.02 0.67 -14.99
C LEU A 133 4.26 -0.51 -14.39
N LYS A 134 4.87 -1.70 -14.40
CA LYS A 134 4.26 -2.86 -13.75
C LYS A 134 4.04 -2.60 -12.27
N SER A 135 5.07 -2.06 -11.59
CA SER A 135 4.95 -1.80 -10.16
C SER A 135 3.88 -0.76 -9.86
N THR A 136 3.82 0.32 -10.65
CA THR A 136 2.83 1.35 -10.41
C THR A 136 1.41 0.86 -10.66
N LEU A 137 1.22 0.06 -11.72
CA LEU A 137 -0.11 -0.43 -12.03
C LEU A 137 -0.63 -1.36 -10.94
N ILE A 138 0.27 -2.14 -10.32
CA ILE A 138 -0.11 -2.89 -9.12
C ILE A 138 -0.51 -1.93 -8.01
N ALA A 139 0.28 -0.87 -7.82
CA ALA A 139 0.03 0.05 -6.72
C ALA A 139 -1.30 0.78 -6.86
N ILE A 140 -1.73 1.08 -8.08
CA ILE A 140 -2.98 1.79 -8.30
C ILE A 140 -4.14 0.83 -8.61
N GLY A 141 -3.96 -0.47 -8.31
CA GLY A 141 -5.04 -1.42 -8.46
C GLY A 141 -5.51 -1.65 -9.88
N GLN A 142 -4.64 -1.49 -10.86
CA GLN A 142 -4.97 -1.70 -12.26
C GLN A 142 -4.12 -2.81 -12.86
N SER A 143 -3.84 -3.85 -12.08
CA SER A 143 -3.04 -4.97 -12.54
C SER A 143 -3.50 -6.23 -11.84
N LYS A 144 -3.42 -7.36 -12.56
CA LYS A 144 -3.77 -8.64 -11.96
C LYS A 144 -2.67 -9.14 -11.05
N GLU A 145 -1.42 -8.75 -11.30
CA GLU A 145 -0.30 -9.38 -10.62
C GLU A 145 -0.18 -8.88 -9.19
N ILE A 146 0.42 -9.69 -8.34
CA ILE A 146 0.64 -9.30 -6.95
C ILE A 146 2.04 -8.73 -6.82
N GLU A 147 2.20 -7.88 -5.82
CA GLU A 147 3.49 -7.30 -5.51
C GLU A 147 4.48 -8.37 -5.09
N THR A 148 5.60 -8.46 -5.81
CA THR A 148 6.73 -9.29 -5.40
C THR A 148 7.93 -8.36 -5.16
N THR A 149 9.09 -8.96 -4.93
CA THR A 149 10.27 -8.18 -4.56
C THR A 149 10.63 -7.16 -5.64
N ILE A 150 10.74 -7.62 -6.89
CA ILE A 150 11.22 -6.74 -7.96
C ILE A 150 10.28 -5.57 -8.17
N THR A 151 8.98 -5.79 -7.98
CA THR A 151 7.97 -4.74 -8.11
C THR A 151 7.54 -4.17 -6.77
N ALA A 152 8.36 -4.33 -5.74
CA ALA A 152 7.92 -3.96 -4.40
C ALA A 152 7.86 -2.44 -4.23
N GLU A 153 7.07 -2.03 -3.24
CA GLU A 153 6.99 -0.62 -2.89
C GLU A 153 8.35 -0.06 -2.49
N GLY A 154 9.16 -0.88 -1.83
CA GLY A 154 10.51 -0.49 -1.51
C GLY A 154 10.71 -0.19 -0.04
N GLY A 155 11.79 0.53 0.23
CA GLY A 155 12.24 0.79 1.58
C GLY A 155 13.63 0.22 1.81
N GLU A 156 13.92 -0.06 3.08
CA GLU A 156 15.23 -0.54 3.50
C GLU A 156 15.20 -2.07 3.59
N ILE A 157 16.09 -2.73 2.87
CA ILE A 157 16.22 -4.19 2.97
C ILE A 157 16.92 -4.51 4.27
N VAL A 158 16.27 -5.33 5.11
CA VAL A 158 16.81 -5.74 6.39
C VAL A 158 17.01 -7.24 6.50
N PHE A 159 16.45 -8.01 5.57
CA PHE A 159 16.67 -9.44 5.50
C PHE A 159 16.40 -9.88 4.06
N GLN A 160 17.17 -10.85 3.60
CA GLN A 160 16.95 -11.41 2.27
C GLN A 160 17.47 -12.83 2.23
N ASN A 161 16.74 -13.71 1.56
CA ASN A 161 17.20 -15.06 1.28
C ASN A 161 16.69 -15.44 -0.10
N ALA A 162 16.77 -16.73 -0.43
CA ALA A 162 16.45 -17.16 -1.78
C ALA A 162 14.99 -16.91 -2.13
N ALA A 163 14.11 -16.87 -1.13
CA ALA A 163 12.68 -16.78 -1.36
C ALA A 163 12.06 -15.45 -0.96
N PHE A 164 12.61 -14.75 0.02
CA PHE A 164 11.97 -13.58 0.61
C PHE A 164 12.91 -12.40 0.66
N THR A 165 12.32 -11.20 0.64
CA THR A 165 13.01 -9.95 0.94
C THR A 165 12.18 -9.19 1.96
N MET A 166 12.81 -8.77 3.05
CA MET A 166 12.13 -8.04 4.12
C MET A 166 12.52 -6.57 4.05
N TRP A 167 11.52 -5.70 4.00
CA TRP A 167 11.73 -4.26 3.90
C TRP A 167 11.27 -3.56 5.17
N LYS A 168 12.07 -2.58 5.62
CA LYS A 168 11.63 -1.64 6.63
C LYS A 168 10.88 -0.51 5.93
N LEU A 169 9.63 -0.29 6.31
CA LEU A 169 8.83 0.77 5.70
C LEU A 169 9.25 2.11 6.28
N THR A 170 9.65 3.03 5.41
CA THR A 170 10.28 4.29 5.80
C THR A 170 9.27 5.44 5.90
N TYR A 171 8.07 5.17 6.41
CA TYR A 171 6.99 6.15 6.33
C TYR A 171 7.22 7.39 7.17
N LEU A 172 8.06 7.30 8.21
CA LEU A 172 8.31 8.47 9.05
C LEU A 172 9.12 9.53 8.33
N GLU A 173 9.82 9.17 7.26
CA GLU A 173 10.67 10.10 6.52
C GLU A 173 10.01 10.61 5.25
N HIS A 174 8.74 10.30 5.02
CA HIS A 174 8.10 10.63 3.75
C HIS A 174 7.77 12.11 3.68
N GLN A 175 7.86 12.64 2.46
CA GLN A 175 7.58 14.05 2.21
C GLN A 175 6.09 14.31 2.09
N LEU A 176 5.38 13.44 1.37
CA LEU A 176 4.01 13.74 0.94
C LEU A 176 2.99 13.43 2.03
N MET A 177 3.04 12.22 2.59
CA MET A 177 2.11 11.81 3.64
C MET A 177 2.86 10.98 4.67
N PRO A 178 3.72 11.63 5.46
CA PRO A 178 4.45 10.88 6.50
C PRO A 178 3.53 10.46 7.63
N ILE A 179 3.82 9.29 8.19
CA ILE A 179 3.13 8.85 9.40
C ILE A 179 3.62 9.71 10.56
N LEU A 180 2.70 10.20 11.36
CA LEU A 180 3.02 11.21 12.35
C LEU A 180 3.39 10.62 13.71
N ASP A 181 2.92 9.43 14.03
CA ASP A 181 3.34 8.84 15.29
C ASP A 181 4.74 8.41 15.07
N GLN A 182 5.63 8.85 15.91
CA GLN A 182 6.99 8.52 15.76
C GLN A 182 7.36 7.23 16.35
N ASN A 183 6.38 6.56 16.87
CA ASN A 183 6.61 5.27 17.44
C ASN A 183 6.30 4.17 16.48
N PHE A 184 6.06 4.55 15.25
CA PHE A 184 5.72 3.61 14.21
C PHE A 184 6.85 2.82 13.63
N ILE A 185 6.67 1.52 13.56
CA ILE A 185 7.61 0.62 12.90
C ILE A 185 6.79 -0.48 12.25
N GLU A 186 6.94 -0.66 10.95
CA GLU A 186 6.29 -1.75 10.23
C GLU A 186 7.24 -2.29 9.18
N TYR A 187 7.24 -3.60 9.01
CA TYR A 187 8.03 -4.24 7.97
C TYR A 187 7.13 -5.01 7.02
N LYS A 188 7.73 -5.46 5.93
CA LYS A 188 7.01 -6.05 4.82
C LYS A 188 7.90 -7.11 4.18
N VAL A 189 7.37 -8.32 4.04
CA VAL A 189 8.12 -9.44 3.47
C VAL A 189 7.46 -9.80 2.15
N THR A 190 8.17 -9.56 1.05
CA THR A 190 7.68 -9.91 -0.28
C THR A 190 8.29 -11.23 -0.73
N LEU A 191 7.57 -11.93 -1.60
CA LEU A 191 8.11 -13.11 -2.25
C LEU A 191 9.02 -12.68 -3.38
N ASN A 192 10.23 -13.25 -3.42
CA ASN A 192 11.12 -12.97 -4.54
C ASN A 192 10.53 -13.51 -5.85
N GLU A 193 9.90 -14.68 -5.78
CA GLU A 193 9.23 -15.27 -6.94
C GLU A 193 7.92 -15.88 -6.49
N ASP A 194 6.87 -15.67 -7.29
CA ASP A 194 5.54 -16.22 -7.00
C ASP A 194 5.56 -17.70 -7.38
N LYS A 195 6.01 -18.52 -6.43
CA LYS A 195 6.38 -19.90 -6.69
C LYS A 195 6.35 -20.64 -5.36
N PRO A 196 6.14 -21.96 -5.38
CA PRO A 196 6.33 -22.75 -4.16
C PRO A 196 7.73 -22.54 -3.59
N ILE A 197 7.80 -22.53 -2.27
CA ILE A 197 9.00 -22.15 -1.54
C ILE A 197 9.41 -23.30 -0.64
N SER A 198 10.69 -23.68 -0.69
CA SER A 198 11.17 -24.82 0.05
C SER A 198 11.11 -24.55 1.56
N ASP A 199 11.13 -25.64 2.34
CA ASP A 199 10.96 -25.54 3.78
C ASP A 199 12.15 -24.83 4.44
N VAL A 200 13.36 -24.99 3.90
CA VAL A 200 14.52 -24.38 4.53
C VAL A 200 14.46 -22.86 4.39
N HIS A 201 13.99 -22.36 3.24
CA HIS A 201 13.86 -20.92 3.06
C HIS A 201 12.73 -20.36 3.93
N VAL A 202 11.71 -21.18 4.22
CA VAL A 202 10.69 -20.76 5.16
C VAL A 202 11.24 -20.71 6.57
N LYS A 203 12.03 -21.72 6.96
CA LYS A 203 12.64 -21.73 8.29
C LYS A 203 13.56 -20.53 8.48
N GLU A 204 14.31 -20.17 7.44
CA GLU A 204 15.20 -19.02 7.54
C GLU A 204 14.42 -17.75 7.87
N LEU A 205 13.27 -17.57 7.21
CA LEU A 205 12.45 -16.39 7.48
C LEU A 205 11.86 -16.43 8.88
N VAL A 206 11.27 -17.56 9.27
CA VAL A 206 10.61 -17.67 10.57
C VAL A 206 11.62 -17.49 11.70
N ALA A 207 12.82 -18.06 11.54
CA ALA A 207 13.85 -17.91 12.56
C ALA A 207 14.26 -16.45 12.73
N GLU A 208 14.33 -15.71 11.63
CA GLU A 208 14.70 -14.30 11.73
C GLU A 208 13.57 -13.47 12.34
N LEU A 209 12.32 -13.81 12.03
CA LEU A 209 11.20 -13.07 12.61
C LEU A 209 11.02 -13.40 14.08
N ARG A 210 11.25 -14.65 14.47
CA ARG A 210 11.13 -15.01 15.89
C ARG A 210 12.24 -14.38 16.72
N TRP A 211 13.45 -14.30 16.16
CA TRP A 211 14.59 -13.81 16.94
C TRP A 211 14.67 -12.28 16.90
N GLN A 212 14.67 -11.70 15.70
CA GLN A 212 14.88 -10.27 15.53
C GLN A 212 13.62 -9.42 15.69
N TYR A 213 12.43 -10.03 15.57
CA TYR A 213 11.17 -9.29 15.57
C TYR A 213 10.14 -9.99 16.46
N ASN A 214 10.57 -10.41 17.65
CA ASN A 214 9.69 -11.18 18.52
C ASN A 214 8.50 -10.37 19.01
N LYS A 215 8.59 -9.04 18.99
CA LYS A 215 7.48 -8.19 19.43
C LYS A 215 6.54 -7.81 18.29
N PHE A 216 6.65 -8.46 17.14
CA PHE A 216 5.85 -8.12 15.97
C PHE A 216 4.99 -9.30 15.55
N ALA A 217 3.78 -9.01 15.11
CA ALA A 217 2.90 -10.02 14.53
C ALA A 217 3.20 -10.17 13.04
N VAL A 218 3.16 -11.41 12.56
CA VAL A 218 3.30 -11.71 11.15
C VAL A 218 1.90 -11.90 10.59
N ILE A 219 1.41 -10.92 9.85
CA ILE A 219 0.06 -10.97 9.30
C ILE A 219 0.10 -10.73 7.80
N THR A 220 -1.07 -10.57 7.19
CA THR A 220 -1.17 -10.21 5.77
C THR A 220 -2.53 -9.61 5.52
N HIS A 221 -2.60 -8.70 4.54
CA HIS A 221 -3.85 -8.13 4.09
C HIS A 221 -4.43 -8.85 2.89
N GLY A 222 -3.86 -10.01 2.54
CA GLY A 222 -4.42 -10.88 1.51
C GLY A 222 -3.89 -10.68 0.11
N LYS A 223 -3.05 -9.67 -0.12
CA LYS A 223 -2.61 -9.32 -1.46
C LYS A 223 -1.28 -9.98 -1.83
N GLY A 224 -0.84 -10.98 -1.09
CA GLY A 224 0.28 -11.80 -1.50
C GLY A 224 1.60 -11.58 -0.79
N HIS A 225 1.64 -10.78 0.27
CA HIS A 225 2.89 -10.56 0.98
C HIS A 225 2.60 -10.35 2.46
N TYR A 226 3.63 -10.55 3.27
CA TYR A 226 3.52 -10.47 4.72
C TYR A 226 3.77 -9.05 5.21
N ARG A 227 3.10 -8.70 6.30
CA ARG A 227 3.27 -7.42 6.97
C ARG A 227 3.71 -7.69 8.40
N ILE A 228 4.85 -7.14 8.77
CA ILE A 228 5.42 -7.32 10.11
C ILE A 228 4.99 -6.13 10.94
N VAL A 229 4.12 -6.38 11.92
CA VAL A 229 3.33 -5.34 12.56
C VAL A 229 3.37 -5.53 14.06
N LYS A 230 3.50 -4.43 14.80
CA LYS A 230 3.46 -4.48 16.26
C LYS A 230 2.17 -5.14 16.73
N TYR A 231 2.30 -5.96 17.78
CA TYR A 231 1.13 -6.63 18.34
C TYR A 231 0.10 -5.63 18.86
N SER A 232 0.56 -4.47 19.36
CA SER A 232 -0.35 -3.46 19.89
C SER A 232 -1.23 -2.85 18.80
N SER A 233 -0.88 -3.02 17.53
CA SER A 233 -1.63 -2.44 16.44
C SER A 233 -2.32 -3.48 15.57
N VAL A 234 -2.20 -4.77 15.89
CA VAL A 234 -2.77 -5.80 15.03
C VAL A 234 -4.29 -5.77 15.07
N ALA A 235 -4.87 -5.26 16.17
CA ALA A 235 -6.33 -5.15 16.24
C ALA A 235 -6.83 -4.12 15.22
N ASN A 236 -6.10 -3.02 15.04
CA ASN A 236 -6.49 -2.02 14.05
C ASN A 236 -6.35 -2.57 12.63
N HIS A 237 -5.33 -3.40 12.38
CA HIS A 237 -5.21 -4.04 11.08
C HIS A 237 -6.39 -4.94 10.80
N ALA A 238 -6.87 -5.64 11.83
CA ALA A 238 -8.04 -6.51 11.65
C ALA A 238 -9.26 -5.71 11.25
N ASP A 239 -9.47 -4.55 11.89
CA ASP A 239 -10.58 -3.69 11.52
C ASP A 239 -10.52 -3.29 10.05
N ARG A 240 -9.35 -2.79 9.61
CA ARG A 240 -9.22 -2.34 8.22
C ARG A 240 -9.34 -3.51 7.25
N VAL A 241 -8.76 -4.66 7.59
CA VAL A 241 -8.86 -5.83 6.71
C VAL A 241 -10.31 -6.27 6.58
N TYR A 242 -11.05 -6.27 7.69
CA TYR A 242 -12.44 -6.70 7.63
C TYR A 242 -13.32 -5.69 6.92
N ALA A 243 -13.06 -4.39 7.12
CA ALA A 243 -13.78 -3.36 6.39
C ALA A 243 -13.61 -3.53 4.89
N THR A 244 -12.39 -3.86 4.45
CA THR A 244 -12.15 -4.11 3.03
C THR A 244 -12.91 -5.33 2.54
N PHE A 245 -12.80 -6.44 3.28
CA PHE A 245 -13.49 -7.66 2.89
C PHE A 245 -15.00 -7.47 2.89
N LYS A 246 -15.52 -6.73 3.86
CA LYS A 246 -16.96 -6.44 3.90
C LYS A 246 -17.37 -5.53 2.75
N SER A 247 -16.50 -4.60 2.37
CA SER A 247 -16.84 -3.67 1.29
C SER A 247 -17.02 -4.41 -0.03
N ASN A 248 -16.12 -5.33 -0.34
CA ASN A 248 -16.18 -6.02 -1.63
C ASN A 248 -17.37 -6.96 -1.72
N VAL A 249 -17.80 -7.54 -0.58
CA VAL A 249 -19.01 -8.33 -0.58
C VAL A 249 -20.22 -7.44 -0.84
N LYS A 250 -20.27 -6.27 -0.18
CA LYS A 250 -21.35 -5.32 -0.45
C LYS A 250 -21.25 -4.76 -1.87
N THR A 251 -20.07 -4.27 -2.25
CA THR A 251 -19.87 -3.70 -3.58
C THR A 251 -19.88 -4.74 -4.69
N GLY A 252 -19.96 -6.03 -4.36
CA GLY A 252 -20.01 -7.07 -5.36
C GLY A 252 -18.69 -7.44 -5.99
N VAL A 253 -17.64 -6.63 -5.81
CA VAL A 253 -16.34 -6.94 -6.38
C VAL A 253 -15.71 -8.12 -5.64
N ASN A 254 -14.99 -8.95 -6.38
CA ASN A 254 -14.51 -10.23 -5.84
C ASN A 254 -13.48 -10.02 -4.73
N ASN A 255 -13.57 -10.88 -3.72
CA ASN A 255 -12.65 -10.88 -2.58
C ASN A 255 -11.72 -12.08 -2.71
N ASP A 256 -10.53 -11.85 -3.24
CA ASP A 256 -9.49 -12.87 -3.33
C ASP A 256 -8.47 -12.58 -2.24
N PHE A 257 -8.38 -13.47 -1.25
CA PHE A 257 -7.58 -13.23 -0.05
C PHE A 257 -6.61 -14.38 0.14
N ASN A 258 -5.34 -14.14 -0.21
CA ASN A 258 -4.29 -15.13 0.02
C ASN A 258 -3.96 -15.16 1.50
N LEU A 259 -4.29 -16.26 2.18
CA LEU A 259 -3.95 -16.42 3.58
C LEU A 259 -2.45 -16.62 3.79
N LEU A 260 -1.72 -16.97 2.73
CA LEU A 260 -0.28 -17.22 2.77
C LEU A 260 0.06 -18.39 3.69
N ASP A 261 1.35 -18.56 3.96
CA ASP A 261 1.84 -19.78 4.61
C ASP A 261 1.42 -19.82 6.08
N GLN A 262 0.71 -20.86 6.47
CA GLN A 262 0.24 -21.05 7.82
C GLN A 262 1.38 -21.22 8.81
N ARG A 263 2.53 -21.63 8.35
CA ARG A 263 3.68 -21.77 9.23
C ARG A 263 4.41 -20.46 9.47
N ILE A 264 4.08 -19.40 8.72
CA ILE A 264 4.69 -18.10 8.89
C ILE A 264 3.72 -17.10 9.54
N ILE A 265 2.46 -17.11 9.10
CA ILE A 265 1.47 -16.18 9.62
C ILE A 265 1.26 -16.43 11.11
N TRP A 266 1.05 -15.35 11.87
CA TRP A 266 0.68 -15.48 13.26
C TRP A 266 -0.61 -16.27 13.39
N GLN A 267 -0.59 -17.28 14.28
CA GLN A 267 -1.69 -18.24 14.39
C GLN A 267 -3.05 -17.56 14.54
N ASN A 268 -3.15 -16.59 15.45
CA ASN A 268 -4.43 -15.92 15.68
C ASN A 268 -4.89 -15.18 14.43
N TRP A 269 -3.96 -14.56 13.70
CA TRP A 269 -4.34 -13.85 12.48
C TRP A 269 -4.82 -14.82 11.41
N TYR A 270 -4.15 -15.96 11.28
CA TYR A 270 -4.61 -16.99 10.35
C TYR A 270 -6.02 -17.46 10.70
N ALA A 271 -6.34 -17.51 11.99
CA ALA A 271 -7.69 -17.89 12.41
C ALA A 271 -8.69 -16.79 12.10
N PHE A 272 -8.34 -15.54 12.39
CA PHE A 272 -9.25 -14.43 12.14
C PHE A 272 -9.51 -14.25 10.65
N THR A 273 -8.50 -14.50 9.81
CA THR A 273 -8.69 -14.31 8.38
C THR A 273 -9.41 -15.50 7.74
N SER A 274 -9.11 -16.71 8.19
CA SER A 274 -9.85 -17.88 7.71
C SER A 274 -11.32 -17.76 8.08
N SER A 275 -11.61 -17.36 9.33
CA SER A 275 -12.99 -17.21 9.76
C SER A 275 -13.69 -16.09 8.99
N MET A 276 -12.97 -15.01 8.70
CA MET A 276 -13.54 -13.94 7.88
C MET A 276 -13.84 -14.46 6.47
N LYS A 277 -12.90 -15.21 5.90
CA LYS A 277 -13.12 -15.79 4.57
C LYS A 277 -14.32 -16.72 4.58
N GLN A 278 -14.54 -17.44 5.68
CA GLN A 278 -15.69 -18.33 5.79
C GLN A 278 -17.01 -17.60 5.95
N GLY A 279 -16.98 -16.27 6.12
CA GLY A 279 -18.20 -15.49 6.16
C GLY A 279 -18.71 -15.12 7.53
N ASN A 280 -17.86 -15.17 8.56
CA ASN A 280 -18.31 -14.82 9.90
C ASN A 280 -18.36 -13.31 10.09
N THR A 281 -19.07 -12.89 11.12
CA THR A 281 -19.17 -11.47 11.45
C THR A 281 -17.85 -10.98 12.05
N LEU A 282 -17.71 -9.65 12.10
CA LEU A 282 -16.49 -9.07 12.65
C LEU A 282 -16.27 -9.52 14.09
N ASP A 283 -17.32 -9.44 14.91
CA ASP A 283 -17.19 -9.82 16.32
C ASP A 283 -16.73 -11.26 16.48
N VAL A 284 -17.27 -12.16 15.65
CA VAL A 284 -16.94 -13.59 15.79
C VAL A 284 -15.45 -13.81 15.51
N CYS A 285 -14.99 -13.40 14.32
CA CYS A 285 -13.61 -13.69 13.95
C CYS A 285 -12.59 -12.78 14.62
N LYS A 286 -13.00 -11.59 15.07
CA LYS A 286 -12.06 -10.73 15.77
C LYS A 286 -11.79 -11.22 17.20
N ARG A 287 -12.76 -11.92 17.80
CA ARG A 287 -12.52 -12.49 19.12
C ARG A 287 -11.43 -13.55 19.08
N LEU A 288 -11.16 -14.12 17.91
CA LEU A 288 -10.08 -15.10 17.76
C LEU A 288 -8.71 -14.44 17.84
N LEU A 289 -8.61 -13.13 17.61
CA LEU A 289 -7.35 -12.43 17.81
C LEU A 289 -6.95 -12.41 19.28
N PHE A 290 -7.93 -12.22 20.16
CA PHE A 290 -7.67 -11.98 21.57
C PHE A 290 -7.66 -13.26 22.40
N GLN A 291 -8.20 -14.35 21.89
CA GLN A 291 -8.20 -15.61 22.63
C GLN A 291 -6.89 -16.33 22.37
N LYS A 292 -6.28 -16.83 23.44
CA LYS A 292 -5.00 -17.50 23.33
C LYS A 292 -5.24 -18.95 22.91
N MET A 293 -4.99 -19.23 21.63
CA MET A 293 -4.89 -20.61 21.17
C MET A 293 -3.45 -21.05 21.38
N LYS A 294 -3.23 -21.95 22.33
CA LYS A 294 -1.89 -22.34 22.74
C LYS A 294 -1.10 -23.06 21.65
N PRO A 295 -1.70 -23.96 20.84
CA PRO A 295 -0.89 -24.63 19.81
C PRO A 295 -0.16 -23.69 18.86
N PRO A 299 5.08 -24.75 14.83
CA PRO A 299 6.01 -25.40 13.91
C PRO A 299 7.45 -24.98 14.16
N PHE A 300 8.41 -25.70 13.58
CA PHE A 300 9.83 -25.33 13.59
C PHE A 300 10.31 -25.05 15.01
N LYS A 301 10.20 -26.08 15.86
CA LYS A 301 10.61 -25.94 17.25
C LYS A 301 12.12 -25.81 17.35
N GLY A 302 12.57 -25.01 18.31
CA GLY A 302 13.99 -24.80 18.50
C GLY A 302 14.65 -23.90 17.47
N LEU A 303 13.87 -23.25 16.61
CA LEU A 303 14.47 -22.30 15.67
C LEU A 303 15.05 -21.11 16.41
N SER A 304 14.33 -20.60 17.42
CA SER A 304 14.84 -19.48 18.20
C SER A 304 16.10 -19.88 18.97
N THR A 305 16.15 -21.12 19.47
CA THR A 305 17.30 -21.55 20.24
C THR A 305 18.54 -21.69 19.35
N ASP A 306 18.37 -22.18 18.13
CA ASP A 306 19.51 -22.33 17.21
C ASP A 306 20.14 -20.97 16.93
N ARG A 307 19.31 -19.97 16.62
CA ARG A 307 19.84 -18.64 16.34
C ARG A 307 20.56 -18.06 17.54
N LYS A 308 19.98 -18.23 18.74
CA LYS A 308 20.61 -17.71 19.95
C LYS A 308 21.97 -18.37 20.20
N MET A 309 22.06 -19.68 19.98
CA MET A 309 23.35 -20.35 20.16
C MET A 309 24.37 -19.93 19.12
N ASP A 310 23.92 -19.60 17.90
CA ASP A 310 24.84 -19.04 16.91
C ASP A 310 25.37 -17.68 17.33
N GLU A 311 24.61 -16.96 18.16
CA GLU A 311 25.09 -15.68 18.69
C GLU A 311 26.07 -15.88 19.83
N VAL A 312 25.82 -16.87 20.69
CA VAL A 312 26.75 -17.18 21.77
C VAL A 312 28.11 -17.57 21.21
N ALA A 313 28.12 -18.36 20.14
CA ALA A 313 29.33 -18.55 19.36
C ALA A 313 29.54 -17.36 18.44
N GLN A 314 30.73 -17.28 17.84
CA GLN A 314 31.12 -16.15 16.99
C GLN A 314 30.96 -14.81 17.71
C1 GOL B . 12.90 -28.60 0.81
O1 GOL B . 13.47 -27.95 1.92
C2 GOL B . 11.36 -28.55 0.98
O2 GOL B . 10.86 -29.65 1.68
C3 GOL B . 10.79 -28.44 -0.44
O3 GOL B . 9.44 -28.12 -0.29
CL CL C . -1.02 -8.06 2.06
#